data_3LCS
#
_entry.id   3LCS
#
_cell.length_a   51.941
_cell.length_b   56.690
_cell.length_c   104.171
_cell.angle_alpha   90.00
_cell.angle_beta   90.00
_cell.angle_gamma   90.00
#
_symmetry.space_group_name_H-M   'P 21 21 21'
#
loop_
_entity.id
_entity.type
_entity.pdbx_description
1 polymer 'ALK tyrosine kinase receptor'
2 non-polymer STAUROSPORINE
3 non-polymer GLYCEROL
4 water water
#
_entity_poly.entity_id   1
_entity_poly.type   'polypeptide(L)'
_entity_poly.pdbx_seq_one_letter_code
;GAMGSELQSPEYKLSKLRTSTIMTDYNPNYCFAGKTSSISDLKEVPRKNITLIRGLGHGAFGEVYEGQVSGMPNDPSPLQ
VAVKTLPEVCSEQDELDFLMEALIISKFNHQNIVRCIGVSLQSLPRFILLELMAGGDLKSFLRETRPRPSQPSSLAMLDL
LHVARDIACGCQYLEENHFIHRDIAARNCLLTCPGPGRVAKIGDFGMARDIYRAGYYRKGGCAMLPVKWMPPEAFMEGIF
TSKTDTWSFGVLLWEIFSLGYMPYPSKSNQEVLEFVTSGGRMDPPKNCPGPVYRIMTQCWQHQPEDRPNFAIILERIEYC
TQDPDVINTALPIEYGPLVEEEEK
;
_entity_poly.pdbx_strand_id   A
#
loop_
_chem_comp.id
_chem_comp.type
_chem_comp.name
_chem_comp.formula
GOL non-polymer GLYCEROL 'C3 H8 O3'
STU non-polymer STAUROSPORINE 'C28 H26 N4 O3'
#
# COMPACT_ATOMS: atom_id res chain seq x y z
N TYR A 30 13.20 -16.95 4.53
CA TYR A 30 12.64 -16.03 3.49
C TYR A 30 13.69 -15.58 2.47
N CYS A 31 13.36 -15.70 1.18
CA CYS A 31 14.27 -15.30 0.10
C CYS A 31 13.74 -14.13 -0.74
N PHE A 32 14.63 -13.20 -1.04
CA PHE A 32 14.31 -12.04 -1.86
C PHE A 32 15.54 -11.55 -2.61
N ALA A 33 15.35 -11.24 -3.89
CA ALA A 33 16.39 -10.69 -4.77
C ALA A 33 17.70 -11.51 -4.78
N GLY A 34 17.58 -12.82 -4.68
CA GLY A 34 18.73 -13.70 -4.70
C GLY A 34 19.43 -13.93 -3.37
N LYS A 35 18.73 -13.62 -2.28
CA LYS A 35 19.27 -13.79 -0.93
C LYS A 35 18.25 -14.40 0.02
N THR A 36 18.70 -15.33 0.87
CA THR A 36 17.85 -15.93 1.89
C THR A 36 18.21 -15.42 3.29
N SER A 37 17.19 -15.13 4.09
CA SER A 37 17.38 -14.64 5.45
C SER A 37 16.35 -15.22 6.42
N SER A 38 16.67 -15.13 7.72
CA SER A 38 15.80 -15.64 8.78
C SER A 38 15.72 -14.64 9.93
N ILE A 39 14.90 -14.96 10.94
CA ILE A 39 14.69 -14.14 12.14
C ILE A 39 15.94 -13.43 12.66
N SER A 40 17.07 -14.08 12.50
CA SER A 40 18.33 -13.65 13.10
C SER A 40 18.98 -12.48 12.38
N ASP A 41 18.60 -12.27 11.13
CA ASP A 41 19.10 -11.14 10.35
C ASP A 41 18.34 -9.85 10.66
N LEU A 42 17.28 -9.97 11.46
CA LEU A 42 16.51 -8.80 11.89
C LEU A 42 17.21 -8.16 13.09
N LYS A 43 17.36 -6.83 13.04
CA LYS A 43 17.97 -6.09 14.14
C LYS A 43 17.04 -6.09 15.34
N GLU A 44 17.37 -6.90 16.36
CA GLU A 44 16.60 -6.92 17.59
C GLU A 44 17.03 -5.73 18.44
N VAL A 45 16.13 -4.78 18.63
CA VAL A 45 16.44 -3.63 19.49
C VAL A 45 15.89 -3.88 20.90
N PRO A 46 16.67 -3.51 21.95
CA PRO A 46 16.30 -3.78 23.34
C PRO A 46 14.96 -3.14 23.71
N ARG A 47 14.12 -3.90 24.41
CA ARG A 47 12.75 -3.50 24.72
C ARG A 47 12.70 -2.24 25.59
N LYS A 48 13.63 -2.16 26.54
CA LYS A 48 13.80 -0.98 27.39
C LYS A 48 14.09 0.30 26.59
N ASN A 49 14.61 0.13 25.37
CA ASN A 49 14.94 1.29 24.52
C ASN A 49 13.71 1.83 23.78
N ILE A 50 12.59 1.10 23.84
CA ILE A 50 11.39 1.46 23.09
C ILE A 50 10.31 2.02 24.02
N THR A 51 9.79 3.18 23.64
CA THR A 51 8.71 3.83 24.36
C THR A 51 7.55 4.04 23.40
N LEU A 52 6.34 3.69 23.85
CA LEU A 52 5.13 3.93 23.07
C LEU A 52 4.57 5.31 23.40
N ILE A 53 4.25 6.08 22.37
CA ILE A 53 3.79 7.46 22.56
C ILE A 53 2.27 7.58 22.47
N ARG A 54 1.71 7.08 21.36
CA ARG A 54 0.27 7.17 21.10
C ARG A 54 -0.17 6.06 20.14
N GLY A 55 -1.45 5.68 20.23
CA GLY A 55 -2.03 4.72 19.30
C GLY A 55 -2.19 5.39 17.94
N LEU A 56 -1.94 4.64 16.87
CA LEU A 56 -2.12 5.16 15.51
C LEU A 56 -3.28 4.50 14.78
N GLY A 57 -3.45 3.21 15.03
CA GLY A 57 -4.52 2.46 14.39
C GLY A 57 -4.40 0.98 14.62
N HIS A 58 -5.18 0.23 13.85
CA HIS A 58 -5.18 -1.22 13.89
C HIS A 58 -5.69 -1.74 12.56
N GLY A 59 -5.19 -2.91 12.17
CA GLY A 59 -5.75 -3.66 11.05
C GLY A 59 -6.54 -4.83 11.61
N ALA A 60 -6.60 -5.92 10.83
CA ALA A 60 -7.30 -7.12 11.27
C ALA A 60 -6.75 -7.68 12.58
N PHE A 61 -5.42 -7.69 12.73
CA PHE A 61 -4.77 -8.35 13.85
C PHE A 61 -3.57 -7.58 14.40
N GLY A 62 -3.74 -7.03 15.59
CA GLY A 62 -2.70 -6.22 16.24
C GLY A 62 -2.93 -4.73 16.06
N GLU A 63 -2.02 -3.95 16.63
CA GLU A 63 -2.13 -2.50 16.66
C GLU A 63 -0.85 -1.84 16.11
N VAL A 64 -0.94 -0.55 15.79
CA VAL A 64 0.22 0.25 15.38
C VAL A 64 0.23 1.48 16.27
N TYR A 65 1.41 1.80 16.80
CA TYR A 65 1.61 2.91 17.73
C TYR A 65 2.71 3.80 17.20
N GLU A 66 2.70 5.06 17.59
CA GLU A 66 3.89 5.88 17.42
C GLU A 66 4.79 5.54 18.59
N GLY A 67 6.10 5.47 18.33
CA GLY A 67 7.06 5.19 19.36
C GLY A 67 8.34 5.99 19.21
N GLN A 68 9.22 5.81 20.19
CA GLN A 68 10.57 6.36 20.19
C GLN A 68 11.56 5.26 20.55
N VAL A 69 12.67 5.17 19.82
CA VAL A 69 13.77 4.31 20.25
C VAL A 69 15.01 5.12 20.64
N SER A 70 15.70 4.63 21.67
CA SER A 70 16.93 5.24 22.15
C SER A 70 17.57 4.37 23.23
N GLY A 71 18.87 4.11 23.09
CA GLY A 71 19.63 3.37 24.11
C GLY A 71 20.24 4.28 25.16
N MET A 72 19.95 5.58 25.03
CA MET A 72 20.51 6.59 25.92
C MET A 72 19.41 7.30 26.71
N PRO A 73 19.54 7.30 28.06
CA PRO A 73 18.80 8.28 28.84
C PRO A 73 19.64 9.58 28.96
N ASN A 74 19.08 10.73 28.55
CA ASN A 74 17.70 10.85 28.11
C ASN A 74 17.55 10.85 26.58
N ASP A 75 18.67 11.07 25.89
CA ASP A 75 18.72 11.26 24.43
C ASP A 75 17.91 12.50 23.99
N PRO A 76 18.62 13.57 23.58
CA PRO A 76 17.94 14.78 23.08
C PRO A 76 17.12 14.52 21.82
N SER A 77 17.58 13.59 20.97
CA SER A 77 16.89 13.28 19.72
C SER A 77 16.72 11.77 19.51
N PRO A 78 15.69 11.18 20.13
CA PRO A 78 15.40 9.76 19.85
C PRO A 78 14.87 9.55 18.43
N LEU A 79 15.02 8.33 17.93
CA LEU A 79 14.51 7.98 16.62
C LEU A 79 13.00 7.70 16.75
N GLN A 80 12.21 8.48 16.00
CA GLN A 80 10.77 8.27 16.02
CA GLN A 80 10.76 8.31 15.98
C GLN A 80 10.36 7.15 15.06
N VAL A 81 9.45 6.31 15.54
CA VAL A 81 9.07 5.09 14.83
C VAL A 81 7.58 4.82 14.92
N ALA A 82 7.12 3.92 14.07
CA ALA A 82 5.82 3.28 14.24
C ALA A 82 6.09 1.88 14.77
N VAL A 83 5.26 1.43 15.70
CA VAL A 83 5.44 0.12 16.33
C VAL A 83 4.21 -0.73 16.03
N LYS A 84 4.42 -1.80 15.27
CA LYS A 84 3.35 -2.73 14.95
C LYS A 84 3.45 -3.90 15.92
N THR A 85 2.31 -4.24 16.53
CA THR A 85 2.31 -5.22 17.60
C THR A 85 1.65 -6.53 17.19
N LEU A 86 1.98 -7.58 17.94
CA LEU A 86 1.34 -8.87 17.81
C LEU A 86 0.52 -9.10 19.08
N PRO A 87 -0.79 -9.38 18.93
CA PRO A 87 -1.61 -9.76 20.08
C PRO A 87 -0.98 -10.97 20.75
N GLU A 88 -0.90 -10.94 22.07
CA GLU A 88 -0.33 -12.06 22.82
C GLU A 88 -1.22 -13.30 22.77
N VAL A 89 -2.51 -13.10 22.57
CA VAL A 89 -3.44 -14.20 22.35
C VAL A 89 -3.47 -14.46 20.85
N CYS A 90 -2.68 -15.44 20.43
CA CYS A 90 -2.51 -15.76 19.02
C CYS A 90 -2.04 -17.21 18.85
N SER A 91 -2.25 -17.76 17.66
CA SER A 91 -1.75 -19.09 17.35
C SER A 91 -0.26 -19.04 17.04
N GLU A 92 0.37 -20.21 16.97
CA GLU A 92 1.77 -20.29 16.51
C GLU A 92 1.88 -19.86 15.05
N GLN A 93 0.79 -20.00 14.30
CA GLN A 93 0.73 -19.55 12.91
C GLN A 93 0.71 -18.03 12.78
N ASP A 94 0.04 -17.36 13.74
CA ASP A 94 0.03 -15.90 13.79
C ASP A 94 1.43 -15.36 14.05
N GLU A 95 2.11 -15.96 15.04
CA GLU A 95 3.48 -15.62 15.38
C GLU A 95 4.41 -15.74 14.17
N LEU A 96 4.35 -16.87 13.46
CA LEU A 96 5.15 -17.06 12.24
C LEU A 96 4.76 -16.05 11.15
N ASP A 97 3.46 -15.77 11.03
CA ASP A 97 2.98 -14.72 10.12
C ASP A 97 3.63 -13.37 10.44
N PHE A 98 3.65 -13.03 11.73
CA PHE A 98 4.24 -11.79 12.22
C PHE A 98 5.74 -11.74 11.91
N LEU A 99 6.44 -12.83 12.20
CA LEU A 99 7.86 -13.00 11.84
C LEU A 99 8.06 -12.72 10.36
N MET A 100 7.28 -13.39 9.52
CA MET A 100 7.43 -13.27 8.07
C MET A 100 7.19 -11.84 7.58
N GLU A 101 6.23 -11.13 8.19
CA GLU A 101 6.01 -9.73 7.85
C GLU A 101 7.28 -8.90 8.04
N ALA A 102 7.96 -9.11 9.17
CA ALA A 102 9.20 -8.38 9.49
C ALA A 102 10.28 -8.65 8.43
N LEU A 103 10.54 -9.94 8.16
CA LEU A 103 11.52 -10.36 7.16
C LEU A 103 11.25 -9.77 5.79
N ILE A 104 9.99 -9.80 5.37
CA ILE A 104 9.61 -9.28 4.06
C ILE A 104 9.96 -7.79 3.93
N ILE A 105 9.49 -6.99 4.88
CA ILE A 105 9.74 -5.54 4.87
C ILE A 105 11.24 -5.24 4.94
N SER A 106 11.94 -5.92 5.84
CA SER A 106 13.37 -5.71 6.06
C SER A 106 14.21 -5.97 4.82
N LYS A 107 13.72 -6.82 3.93
CA LYS A 107 14.50 -7.20 2.75
C LYS A 107 14.33 -6.22 1.59
N PHE A 108 13.29 -5.39 1.63
CA PHE A 108 13.14 -4.32 0.64
C PHE A 108 14.10 -3.18 0.90
N ASN A 109 14.53 -2.55 -0.18
CA ASN A 109 15.40 -1.39 -0.14
C ASN A 109 15.00 -0.43 -1.26
N HIS A 110 14.00 0.39 -0.98
CA HIS A 110 13.51 1.37 -1.91
C HIS A 110 12.80 2.49 -1.16
N GLN A 111 12.97 3.71 -1.64
CA GLN A 111 12.43 4.90 -0.97
C GLN A 111 10.90 4.94 -0.92
N ASN A 112 10.23 4.18 -1.80
CA ASN A 112 8.77 4.15 -1.78
C ASN A 112 8.15 2.92 -1.13
N ILE A 113 8.91 2.30 -0.23
CA ILE A 113 8.43 1.22 0.63
C ILE A 113 8.86 1.51 2.07
N VAL A 114 7.92 1.44 3.03
CA VAL A 114 8.23 1.77 4.42
C VAL A 114 9.40 0.92 4.90
N ARG A 115 10.30 1.53 5.67
CA ARG A 115 11.49 0.84 6.17
C ARG A 115 11.14 0.08 7.41
N CYS A 116 11.83 -1.03 7.64
CA CYS A 116 11.78 -1.70 8.93
C CYS A 116 13.02 -1.30 9.71
N ILE A 117 12.79 -0.67 10.86
CA ILE A 117 13.88 -0.17 11.69
C ILE A 117 14.50 -1.30 12.50
N GLY A 118 13.69 -2.32 12.77
CA GLY A 118 14.13 -3.49 13.51
C GLY A 118 12.93 -4.16 14.14
N VAL A 119 13.20 -5.01 15.12
CA VAL A 119 12.15 -5.77 15.80
C VAL A 119 12.41 -5.85 17.29
N SER A 120 11.36 -6.11 18.05
CA SER A 120 11.52 -6.49 19.44
C SER A 120 10.69 -7.77 19.63
N LEU A 121 11.34 -8.89 19.35
CA LEU A 121 10.69 -10.20 19.32
C LEU A 121 10.93 -11.02 20.56
N GLN A 122 11.93 -10.61 21.34
CA GLN A 122 12.31 -11.36 22.54
CA GLN A 122 12.33 -11.35 22.54
C GLN A 122 11.53 -10.91 23.77
N SER A 123 10.61 -9.97 23.57
CA SER A 123 9.70 -9.57 24.64
C SER A 123 8.26 -9.63 24.16
N LEU A 124 7.32 -9.66 25.10
CA LEU A 124 5.90 -9.77 24.79
C LEU A 124 5.16 -8.50 25.23
N PRO A 125 4.23 -7.99 24.39
CA PRO A 125 3.93 -8.43 23.04
C PRO A 125 5.07 -8.08 22.09
N ARG A 126 5.20 -8.85 21.01
CA ARG A 126 6.26 -8.64 20.03
C ARG A 126 6.02 -7.38 19.21
N PHE A 127 7.12 -6.72 18.84
CA PHE A 127 7.06 -5.47 18.08
C PHE A 127 7.81 -5.63 16.77
N ILE A 128 7.29 -4.98 15.72
CA ILE A 128 8.06 -4.66 14.52
C ILE A 128 8.17 -3.13 14.49
N LEU A 129 9.36 -2.63 14.26
CA LEU A 129 9.60 -1.19 14.26
C LEU A 129 9.70 -0.73 12.85
N LEU A 130 8.87 0.25 12.50
CA LEU A 130 8.76 0.70 11.13
C LEU A 130 8.95 2.20 11.06
N GLU A 131 9.40 2.65 9.89
CA GLU A 131 9.40 4.05 9.52
C GLU A 131 8.06 4.67 9.91
N LEU A 132 8.13 5.78 10.64
CA LEU A 132 6.95 6.54 11.00
C LEU A 132 6.43 7.36 9.81
N MET A 133 5.15 7.18 9.51
CA MET A 133 4.52 7.83 8.38
C MET A 133 3.39 8.71 8.94
N ALA A 134 3.77 9.91 9.38
CA ALA A 134 2.86 10.82 10.10
C ALA A 134 1.64 11.27 9.29
N GLY A 135 1.69 11.05 7.98
CA GLY A 135 0.58 11.38 7.10
C GLY A 135 -0.54 10.36 7.17
N GLY A 136 -0.24 9.18 7.71
CA GLY A 136 -1.22 8.11 7.87
C GLY A 136 -1.46 7.36 6.57
N ASP A 137 -2.55 6.61 6.50
CA ASP A 137 -2.80 5.86 5.27
C ASP A 137 -3.41 6.76 4.19
N LEU A 138 -3.14 6.38 2.94
CA LEU A 138 -3.51 7.16 1.77
C LEU A 138 -5.02 7.34 1.57
N LYS A 139 -5.80 6.27 1.79
CA LYS A 139 -7.26 6.38 1.72
C LYS A 139 -7.84 7.40 2.69
N SER A 140 -7.43 7.27 3.96
CA SER A 140 -7.86 8.19 5.01
CA SER A 140 -7.89 8.18 5.00
C SER A 140 -7.41 9.61 4.71
N PHE A 141 -6.18 9.74 4.23
CA PHE A 141 -5.65 11.06 3.87
C PHE A 141 -6.48 11.74 2.80
N LEU A 142 -6.85 10.99 1.76
CA LEU A 142 -7.62 11.52 0.65
C LEU A 142 -9.00 11.94 1.11
N ARG A 143 -9.62 11.13 1.96
CA ARG A 143 -10.94 11.45 2.49
C ARG A 143 -10.90 12.73 3.34
N GLU A 144 -9.94 12.78 4.26
CA GLU A 144 -9.81 13.89 5.21
C GLU A 144 -9.27 15.19 4.59
N THR A 145 -8.61 15.09 3.44
CA THR A 145 -7.96 16.25 2.82
C THR A 145 -8.65 16.64 1.51
N ARG A 146 -9.85 16.12 1.29
CA ARG A 146 -10.74 16.58 0.22
C ARG A 146 -10.96 18.09 0.34
N PRO A 147 -10.72 18.83 -0.77
CA PRO A 147 -11.07 20.25 -0.81
C PRO A 147 -12.56 20.47 -0.56
N ARG A 148 -12.87 21.37 0.38
CA ARG A 148 -14.23 21.73 0.76
C ARG A 148 -14.16 23.02 1.58
N PRO A 149 -15.01 24.03 1.27
CA PRO A 149 -14.96 25.42 1.75
C PRO A 149 -13.99 25.77 2.90
N SER A 150 -13.99 25.00 3.98
CA SER A 150 -13.07 25.24 5.11
C SER A 150 -11.62 24.91 4.76
N GLN A 151 -11.43 24.22 3.64
CA GLN A 151 -10.12 23.78 3.17
C GLN A 151 -10.11 23.77 1.64
N PRO A 152 -10.30 24.96 1.01
CA PRO A 152 -10.60 25.01 -0.44
C PRO A 152 -9.49 24.50 -1.36
N SER A 153 -8.23 24.71 -0.96
CA SER A 153 -7.06 24.29 -1.74
C SER A 153 -6.11 23.44 -0.90
N SER A 154 -6.66 22.49 -0.17
CA SER A 154 -5.88 21.57 0.66
C SER A 154 -5.05 20.60 -0.18
N LEU A 155 -5.43 20.45 -1.45
CA LEU A 155 -4.82 19.47 -2.34
C LEU A 155 -5.05 19.87 -3.79
N ALA A 156 -4.07 19.61 -4.66
CA ALA A 156 -4.18 19.93 -6.09
C ALA A 156 -3.89 18.71 -6.96
N MET A 157 -4.11 18.85 -8.26
CA MET A 157 -3.91 17.75 -9.20
C MET A 157 -2.48 17.17 -9.13
N LEU A 158 -1.49 18.06 -9.03
CA LEU A 158 -0.09 17.64 -8.95
C LEU A 158 0.20 16.81 -7.70
N ASP A 159 -0.43 17.17 -6.58
CA ASP A 159 -0.32 16.35 -5.37
C ASP A 159 -0.73 14.90 -5.65
N LEU A 160 -1.82 14.73 -6.39
CA LEU A 160 -2.34 13.39 -6.71
C LEU A 160 -1.41 12.65 -7.66
N LEU A 161 -0.87 13.36 -8.64
CA LEU A 161 0.06 12.76 -9.60
C LEU A 161 1.37 12.35 -8.92
N HIS A 162 1.79 13.14 -7.92
CA HIS A 162 3.01 12.81 -7.18
C HIS A 162 2.82 11.56 -6.33
N VAL A 163 1.68 11.46 -5.64
CA VAL A 163 1.32 10.23 -4.91
C VAL A 163 1.30 9.02 -5.83
N ALA A 164 0.71 9.18 -7.03
CA ALA A 164 0.61 8.10 -7.99
C ALA A 164 2.00 7.64 -8.46
N ARG A 165 2.85 8.61 -8.80
CA ARG A 165 4.22 8.33 -9.23
C ARG A 165 5.05 7.64 -8.13
N ASP A 166 4.93 8.14 -6.90
CA ASP A 166 5.56 7.50 -5.72
C ASP A 166 5.26 5.99 -5.67
N ILE A 167 3.97 5.65 -5.70
CA ILE A 167 3.53 4.27 -5.53
C ILE A 167 3.94 3.45 -6.77
N ALA A 168 3.79 4.03 -7.97
CA ALA A 168 4.25 3.40 -9.20
C ALA A 168 5.76 3.07 -9.17
N CYS A 169 6.55 3.94 -8.53
CA CYS A 169 7.98 3.68 -8.34
CA CYS A 169 7.97 3.68 -8.34
C CYS A 169 8.21 2.48 -7.43
N GLY A 170 7.44 2.42 -6.35
CA GLY A 170 7.49 1.29 -5.44
C GLY A 170 7.12 0.02 -6.18
N CYS A 171 6.08 0.11 -6.99
CA CYS A 171 5.56 -1.06 -7.72
C CYS A 171 6.55 -1.54 -8.76
N GLN A 172 7.24 -0.59 -9.39
CA GLN A 172 8.27 -0.93 -10.36
C GLN A 172 9.43 -1.67 -9.69
N TYR A 173 9.77 -1.24 -8.48
CA TYR A 173 10.84 -1.88 -7.72
C TYR A 173 10.46 -3.33 -7.38
N LEU A 174 9.22 -3.51 -6.92
CA LEU A 174 8.68 -4.86 -6.68
C LEU A 174 8.69 -5.70 -7.94
N GLU A 175 8.21 -5.12 -9.04
CA GLU A 175 8.24 -5.79 -10.34
C GLU A 175 9.63 -6.26 -10.77
N GLU A 176 10.61 -5.35 -10.72
CA GLU A 176 11.98 -5.68 -11.16
C GLU A 176 12.58 -6.74 -10.25
N ASN A 177 12.09 -6.82 -9.02
CA ASN A 177 12.57 -7.83 -8.07
C ASN A 177 11.63 -9.02 -7.96
N HIS A 178 10.74 -9.13 -8.94
CA HIS A 178 9.89 -10.31 -9.10
C HIS A 178 9.02 -10.58 -7.88
N PHE A 179 8.53 -9.50 -7.27
CA PHE A 179 7.67 -9.61 -6.09
C PHE A 179 6.27 -9.12 -6.42
N ILE A 180 5.29 -10.00 -6.24
CA ILE A 180 3.90 -9.62 -6.52
C ILE A 180 3.20 -9.22 -5.24
N HIS A 181 2.76 -7.97 -5.17
CA HIS A 181 2.14 -7.46 -3.94
C HIS A 181 0.77 -8.09 -3.65
N ARG A 182 -0.06 -8.19 -4.68
CA ARG A 182 -1.39 -8.83 -4.61
C ARG A 182 -2.50 -7.97 -3.99
N ASP A 183 -2.17 -6.85 -3.35
CA ASP A 183 -3.23 -5.96 -2.86
C ASP A 183 -2.84 -4.48 -2.92
N ILE A 184 -2.48 -4.01 -4.12
CA ILE A 184 -2.15 -2.61 -4.32
C ILE A 184 -3.43 -1.76 -4.23
N ALA A 185 -3.61 -1.11 -3.08
CA ALA A 185 -4.81 -0.34 -2.77
C ALA A 185 -4.40 0.81 -1.85
N ALA A 186 -5.18 1.89 -1.86
CA ALA A 186 -4.92 3.08 -1.03
C ALA A 186 -4.82 2.80 0.48
N ARG A 187 -5.61 1.84 0.96
CA ARG A 187 -5.61 1.43 2.38
C ARG A 187 -4.25 0.85 2.79
N ASN A 188 -3.46 0.44 1.81
CA ASN A 188 -2.17 -0.20 2.08
C ASN A 188 -0.96 0.69 1.85
N CYS A 189 -1.23 1.94 1.48
CA CYS A 189 -0.19 2.94 1.25
C CYS A 189 -0.18 3.97 2.38
N LEU A 190 0.98 4.60 2.59
CA LEU A 190 1.13 5.52 3.71
C LEU A 190 1.85 6.78 3.25
N LEU A 191 1.68 7.85 4.01
CA LEU A 191 2.30 9.13 3.71
C LEU A 191 3.22 9.60 4.81
N THR A 192 4.38 10.12 4.42
CA THR A 192 5.40 10.57 5.37
C THR A 192 4.91 11.74 6.22
N CYS A 193 4.09 12.60 5.61
CA CYS A 193 3.53 13.77 6.30
C CYS A 193 2.24 14.21 5.58
N PRO A 194 1.39 15.01 6.26
CA PRO A 194 0.17 15.49 5.58
C PRO A 194 0.43 16.62 4.59
N GLY A 195 1.41 17.48 4.88
CA GLY A 195 1.66 18.67 4.09
C GLY A 195 2.52 18.45 2.86
N PRO A 196 2.90 19.55 2.18
CA PRO A 196 3.74 19.52 0.98
C PRO A 196 5.08 18.85 1.27
N GLY A 197 5.61 18.12 0.29
CA GLY A 197 6.82 17.34 0.49
C GLY A 197 6.54 15.89 0.86
N ARG A 198 5.26 15.57 1.09
CA ARG A 198 4.85 14.22 1.48
C ARG A 198 5.31 13.20 0.44
N VAL A 199 5.68 12.03 0.91
CA VAL A 199 6.07 10.94 0.01
C VAL A 199 5.17 9.76 0.31
N ALA A 200 4.59 9.19 -0.74
CA ALA A 200 3.73 8.01 -0.60
C ALA A 200 4.57 6.73 -0.73
N LYS A 201 4.23 5.73 0.10
CA LYS A 201 4.99 4.48 0.15
C LYS A 201 4.06 3.31 0.40
N ILE A 202 4.42 2.16 -0.13
CA ILE A 202 3.69 0.92 0.15
C ILE A 202 4.08 0.45 1.54
N GLY A 203 3.07 0.21 2.37
CA GLY A 203 3.30 -0.16 3.76
C GLY A 203 2.85 -1.55 4.20
N ASP A 204 1.71 -2.01 3.70
CA ASP A 204 1.09 -3.26 4.16
C ASP A 204 1.35 -4.40 3.16
N PHE A 205 2.12 -5.40 3.60
CA PHE A 205 2.48 -6.55 2.75
C PHE A 205 1.85 -7.85 3.26
N GLY A 206 0.80 -7.71 4.05
CA GLY A 206 0.11 -8.84 4.68
C GLY A 206 -0.40 -9.89 3.71
N MET A 207 -0.90 -9.46 2.55
CA MET A 207 -1.44 -10.40 1.56
C MET A 207 -0.35 -11.28 0.95
N ALA A 208 0.72 -10.65 0.47
CA ALA A 208 1.88 -11.35 -0.08
C ALA A 208 2.49 -12.29 0.96
N ARG A 209 2.51 -11.84 2.20
CA ARG A 209 3.02 -12.63 3.32
C ARG A 209 2.23 -13.92 3.46
N ASP A 210 0.89 -13.82 3.43
CA ASP A 210 0.02 -14.99 3.56
C ASP A 210 0.27 -16.00 2.46
N ILE A 211 0.38 -15.51 1.22
CA ILE A 211 0.67 -16.37 0.06
C ILE A 211 2.06 -17.00 0.17
N TYR A 212 3.05 -16.23 0.60
CA TYR A 212 4.40 -16.75 0.75
C TYR A 212 4.46 -17.89 1.77
N ARG A 213 3.66 -17.79 2.84
CA ARG A 213 3.67 -18.78 3.93
C ARG A 213 2.79 -19.98 3.67
N ALA A 214 1.58 -19.74 3.14
CA ALA A 214 0.56 -20.78 3.03
C ALA A 214 0.19 -21.15 1.59
N GLY A 215 0.56 -20.29 0.64
CA GLY A 215 0.22 -20.49 -0.77
C GLY A 215 -1.16 -19.97 -1.12
N TYR A 216 -1.92 -19.53 -0.11
CA TYR A 216 -3.26 -18.97 -0.28
C TYR A 216 -3.64 -18.05 0.89
N TYR A 217 -4.67 -17.22 0.67
CA TYR A 217 -5.20 -16.32 1.71
C TYR A 217 -5.72 -17.16 2.87
N ARG A 218 -4.87 -17.33 3.88
CA ARG A 218 -5.01 -18.40 4.87
C ARG A 218 -5.97 -18.13 6.03
N LYS A 219 -6.05 -16.88 6.46
CA LYS A 219 -6.99 -16.49 7.50
C LYS A 219 -8.22 -15.80 6.91
N GLY A 220 -8.27 -15.75 5.59
CA GLY A 220 -9.35 -15.07 4.89
C GLY A 220 -10.48 -15.97 4.45
N GLY A 221 -11.00 -15.65 3.27
CA GLY A 221 -12.14 -16.33 2.70
C GLY A 221 -12.66 -15.44 1.59
N CYS A 222 -13.73 -15.89 0.92
CA CYS A 222 -14.32 -15.14 -0.19
CA CYS A 222 -14.33 -15.15 -0.19
C CYS A 222 -14.66 -13.70 0.18
N ALA A 223 -15.41 -13.51 1.27
CA ALA A 223 -15.87 -12.18 1.69
C ALA A 223 -14.76 -11.16 2.00
N MET A 224 -13.56 -11.66 2.30
CA MET A 224 -12.46 -10.80 2.69
C MET A 224 -11.53 -10.46 1.52
N LEU A 225 -11.66 -11.18 0.41
CA LEU A 225 -10.81 -10.93 -0.75
C LEU A 225 -11.04 -9.54 -1.35
N PRO A 226 -9.96 -8.87 -1.76
CA PRO A 226 -10.07 -7.53 -2.34
C PRO A 226 -10.48 -7.61 -3.80
N VAL A 227 -11.64 -8.19 -4.07
CA VAL A 227 -12.03 -8.45 -5.47
C VAL A 227 -12.11 -7.18 -6.32
N LYS A 228 -12.42 -6.04 -5.67
CA LYS A 228 -12.52 -4.77 -6.40
C LYS A 228 -11.19 -4.27 -6.95
N TRP A 229 -10.09 -4.86 -6.48
CA TRP A 229 -8.74 -4.52 -6.97
C TRP A 229 -8.13 -5.61 -7.86
N MET A 230 -8.91 -6.65 -8.15
CA MET A 230 -8.37 -7.86 -8.81
C MET A 230 -8.77 -7.98 -10.30
N PRO A 231 -7.81 -8.35 -11.17
CA PRO A 231 -8.11 -8.61 -12.58
C PRO A 231 -8.84 -9.94 -12.78
N PRO A 232 -9.46 -10.16 -13.96
CA PRO A 232 -10.23 -11.37 -14.21
C PRO A 232 -9.47 -12.66 -13.95
N GLU A 233 -8.22 -12.75 -14.41
CA GLU A 233 -7.48 -14.00 -14.31
C GLU A 233 -7.12 -14.35 -12.86
N ALA A 234 -7.05 -13.33 -12.00
CA ALA A 234 -6.83 -13.51 -10.58
C ALA A 234 -8.04 -14.09 -9.86
N PHE A 235 -9.20 -13.46 -9.99
CA PHE A 235 -10.37 -13.98 -9.27
C PHE A 235 -11.05 -15.18 -9.94
N MET A 236 -10.77 -15.40 -11.23
CA MET A 236 -11.36 -16.52 -11.97
CA MET A 236 -11.36 -16.53 -11.94
C MET A 236 -10.47 -17.78 -11.94
N GLU A 237 -9.16 -17.57 -12.07
CA GLU A 237 -8.22 -18.71 -12.22
C GLU A 237 -7.19 -18.82 -11.11
N GLY A 238 -7.15 -17.81 -10.26
CA GLY A 238 -6.13 -17.74 -9.21
C GLY A 238 -4.74 -17.57 -9.80
N ILE A 239 -4.66 -16.88 -10.94
CA ILE A 239 -3.39 -16.62 -11.61
C ILE A 239 -2.92 -15.24 -11.22
N PHE A 240 -1.73 -15.16 -10.63
CA PHE A 240 -1.13 -13.89 -10.23
C PHE A 240 0.23 -13.71 -10.90
N THR A 241 0.44 -12.54 -11.48
CA THR A 241 1.73 -12.18 -12.09
C THR A 241 1.98 -10.71 -11.73
N SER A 242 3.04 -10.11 -12.25
CA SER A 242 3.22 -8.67 -12.08
C SER A 242 2.15 -7.85 -12.82
N LYS A 243 1.49 -8.47 -13.80
CA LYS A 243 0.36 -7.79 -14.44
C LYS A 243 -0.87 -7.73 -13.54
N THR A 244 -0.90 -8.57 -12.50
CA THR A 244 -1.93 -8.45 -11.43
C THR A 244 -1.83 -7.13 -10.72
N ASP A 245 -0.60 -6.76 -10.32
CA ASP A 245 -0.36 -5.50 -9.64
C ASP A 245 -0.67 -4.31 -10.58
N THR A 246 -0.39 -4.45 -11.87
CA THR A 246 -0.73 -3.41 -12.85
C THR A 246 -2.22 -3.08 -12.80
N TRP A 247 -3.06 -4.12 -12.86
CA TRP A 247 -4.51 -3.94 -12.78
C TRP A 247 -4.89 -3.21 -11.52
N SER A 248 -4.40 -3.72 -10.38
CA SER A 248 -4.66 -3.12 -9.07
CA SER A 248 -4.66 -3.12 -9.07
C SER A 248 -4.18 -1.67 -8.99
N PHE A 249 -3.05 -1.37 -9.59
CA PHE A 249 -2.57 -0.01 -9.58
C PHE A 249 -3.56 0.91 -10.30
N GLY A 250 -4.21 0.39 -11.33
CA GLY A 250 -5.25 1.14 -12.05
C GLY A 250 -6.37 1.54 -11.12
N VAL A 251 -6.75 0.61 -10.25
CA VAL A 251 -7.85 0.82 -9.33
C VAL A 251 -7.38 1.84 -8.30
N LEU A 252 -6.12 1.73 -7.89
CA LEU A 252 -5.51 2.72 -6.99
C LEU A 252 -5.52 4.12 -7.59
N LEU A 253 -5.16 4.24 -8.87
CA LEU A 253 -5.26 5.50 -9.57
C LEU A 253 -6.66 6.08 -9.46
N TRP A 254 -7.67 5.23 -9.65
CA TRP A 254 -9.06 5.67 -9.53
C TRP A 254 -9.32 6.17 -8.10
N GLU A 255 -8.84 5.42 -7.11
CA GLU A 255 -8.97 5.82 -5.71
C GLU A 255 -8.35 7.18 -5.44
N ILE A 256 -7.15 7.40 -5.97
CA ILE A 256 -6.42 8.67 -5.77
C ILE A 256 -7.20 9.81 -6.42
N PHE A 257 -7.58 9.63 -7.67
CA PHE A 257 -8.20 10.73 -8.41
C PHE A 257 -9.68 10.95 -8.08
N SER A 258 -10.32 9.96 -7.47
CA SER A 258 -11.65 10.19 -6.88
C SER A 258 -11.58 10.80 -5.49
N LEU A 259 -10.36 11.04 -4.99
CA LEU A 259 -10.16 11.55 -3.63
C LEU A 259 -10.72 10.60 -2.57
N GLY A 260 -10.44 9.30 -2.74
CA GLY A 260 -10.72 8.32 -1.69
C GLY A 260 -12.07 7.61 -1.66
N TYR A 261 -12.82 7.63 -2.76
CA TYR A 261 -14.05 6.82 -2.87
C TYR A 261 -13.74 5.32 -2.94
N MET A 262 -14.63 4.49 -2.41
CA MET A 262 -14.59 3.04 -2.69
C MET A 262 -14.72 2.80 -4.20
N PRO A 263 -13.83 1.98 -4.79
CA PRO A 263 -13.99 1.54 -6.17
C PRO A 263 -15.39 0.96 -6.42
N TYR A 264 -15.86 1.09 -7.66
CA TYR A 264 -17.19 0.62 -8.10
C TYR A 264 -18.27 0.96 -7.07
N PRO A 265 -18.42 2.27 -6.74
CA PRO A 265 -19.14 2.66 -5.50
C PRO A 265 -20.57 2.12 -5.31
N SER A 266 -21.32 1.97 -6.40
CA SER A 266 -22.69 1.46 -6.29
C SER A 266 -22.77 -0.07 -6.34
N LYS A 267 -21.61 -0.73 -6.43
CA LYS A 267 -21.55 -2.18 -6.68
C LYS A 267 -21.00 -2.98 -5.51
N SER A 268 -21.60 -4.16 -5.31
CA SER A 268 -21.12 -5.17 -4.39
C SER A 268 -19.97 -5.94 -5.04
N ASN A 269 -19.26 -6.73 -4.25
CA ASN A 269 -18.16 -7.55 -4.78
C ASN A 269 -18.59 -8.45 -5.96
N GLN A 270 -19.67 -9.18 -5.80
CA GLN A 270 -20.18 -10.07 -6.86
C GLN A 270 -20.61 -9.30 -8.12
N GLU A 271 -21.30 -8.17 -7.93
CA GLU A 271 -21.66 -7.32 -9.07
C GLU A 271 -20.41 -6.87 -9.80
N VAL A 272 -19.36 -6.53 -9.06
CA VAL A 272 -18.07 -6.18 -9.67
C VAL A 272 -17.47 -7.35 -10.44
N LEU A 273 -17.40 -8.53 -9.82
CA LEU A 273 -16.95 -9.74 -10.51
C LEU A 273 -17.60 -9.88 -11.88
N GLU A 274 -18.93 -9.84 -11.90
CA GLU A 274 -19.69 -10.02 -13.14
C GLU A 274 -19.49 -8.85 -14.10
N PHE A 275 -19.53 -7.63 -13.56
CA PHE A 275 -19.25 -6.41 -14.32
C PHE A 275 -17.89 -6.48 -15.02
N VAL A 276 -16.84 -6.75 -14.24
CA VAL A 276 -15.46 -6.71 -14.75
C VAL A 276 -15.19 -7.83 -15.77
N THR A 277 -15.65 -9.05 -15.49
CA THR A 277 -15.44 -10.18 -16.41
C THR A 277 -16.14 -10.04 -17.75
N SER A 278 -17.22 -9.27 -17.79
CA SER A 278 -17.95 -9.02 -19.04
CA SER A 278 -17.96 -9.01 -19.02
C SER A 278 -17.43 -7.78 -19.77
N GLY A 279 -16.35 -7.20 -19.25
CA GLY A 279 -15.71 -6.04 -19.90
C GLY A 279 -16.04 -4.68 -19.32
N GLY A 280 -16.88 -4.66 -18.29
CA GLY A 280 -17.21 -3.42 -17.60
C GLY A 280 -16.01 -2.79 -16.91
N ARG A 281 -15.93 -1.45 -17.01
CA ARG A 281 -14.93 -0.68 -16.29
C ARG A 281 -15.55 0.56 -15.64
N MET A 282 -14.90 1.07 -14.60
CA MET A 282 -15.31 2.33 -13.97
C MET A 282 -15.21 3.53 -14.91
N ASP A 283 -16.15 4.46 -14.75
CA ASP A 283 -16.07 5.77 -15.39
C ASP A 283 -14.93 6.59 -14.78
N PRO A 284 -14.53 7.69 -15.45
CA PRO A 284 -13.51 8.53 -14.83
C PRO A 284 -14.02 9.10 -13.51
N PRO A 285 -13.11 9.28 -12.54
CA PRO A 285 -13.50 10.04 -11.36
C PRO A 285 -13.91 11.45 -11.75
N LYS A 286 -14.66 12.12 -10.88
CA LYS A 286 -15.06 13.50 -11.12
C LYS A 286 -13.85 14.39 -11.42
N ASN A 287 -13.90 15.10 -12.56
CA ASN A 287 -12.86 16.06 -12.97
C ASN A 287 -11.53 15.45 -13.39
N CYS A 288 -11.48 14.12 -13.57
CA CYS A 288 -10.22 13.44 -13.88
C CYS A 288 -9.77 13.77 -15.30
N PRO A 289 -8.52 14.24 -15.46
CA PRO A 289 -8.03 14.57 -16.81
C PRO A 289 -8.00 13.31 -17.67
N GLY A 290 -8.27 13.49 -18.96
CA GLY A 290 -8.28 12.36 -19.89
C GLY A 290 -7.01 11.52 -19.90
N PRO A 291 -5.82 12.17 -19.94
CA PRO A 291 -4.57 11.40 -19.93
C PRO A 291 -4.43 10.48 -18.71
N VAL A 292 -4.96 10.92 -17.55
CA VAL A 292 -4.90 10.11 -16.34
C VAL A 292 -5.87 8.91 -16.44
N TYR A 293 -7.09 9.20 -16.87
CA TYR A 293 -8.08 8.17 -17.09
C TYR A 293 -7.59 7.11 -18.08
N ARG A 294 -6.93 7.56 -19.15
CA ARG A 294 -6.38 6.65 -20.15
C ARG A 294 -5.42 5.65 -19.49
N ILE A 295 -4.62 6.12 -18.55
CA ILE A 295 -3.69 5.23 -17.84
C ILE A 295 -4.46 4.15 -17.09
N MET A 296 -5.54 4.52 -16.39
CA MET A 296 -6.38 3.54 -15.71
C MET A 296 -6.89 2.47 -16.67
N THR A 297 -7.42 2.87 -17.83
CA THR A 297 -8.04 1.92 -18.75
C THR A 297 -7.02 0.98 -19.39
N GLN A 298 -5.80 1.47 -19.61
CA GLN A 298 -4.66 0.64 -20.05
C GLN A 298 -4.26 -0.41 -19.00
N CYS A 299 -4.28 -0.01 -17.73
CA CYS A 299 -4.05 -0.93 -16.60
C CYS A 299 -5.15 -1.98 -16.49
N TRP A 300 -6.33 -1.64 -17.01
CA TRP A 300 -7.48 -2.54 -16.96
C TRP A 300 -7.75 -3.33 -18.23
N GLN A 301 -6.76 -3.46 -19.11
CA GLN A 301 -6.91 -4.30 -20.30
C GLN A 301 -7.22 -5.73 -19.86
N HIS A 302 -8.16 -6.37 -20.55
CA HIS A 302 -8.61 -7.72 -20.14
C HIS A 302 -7.47 -8.73 -20.16
N GLN A 303 -6.69 -8.75 -21.23
CA GLN A 303 -5.56 -9.65 -21.32
C GLN A 303 -4.36 -9.04 -20.59
N PRO A 304 -3.77 -9.78 -19.64
CA PRO A 304 -2.63 -9.28 -18.87
C PRO A 304 -1.48 -8.82 -19.77
N GLU A 305 -1.21 -9.55 -20.85
CA GLU A 305 -0.15 -9.16 -21.80
C GLU A 305 -0.36 -7.78 -22.46
N ASP A 306 -1.60 -7.32 -22.51
CA ASP A 306 -1.91 -6.00 -23.06
C ASP A 306 -1.73 -4.87 -22.04
N ARG A 307 -1.60 -5.22 -20.75
CA ARG A 307 -1.38 -4.21 -19.72
C ARG A 307 0.06 -3.73 -19.70
N PRO A 308 0.27 -2.43 -19.43
CA PRO A 308 1.63 -1.89 -19.31
C PRO A 308 2.36 -2.42 -18.08
N ASN A 309 3.68 -2.54 -18.18
CA ASN A 309 4.52 -2.78 -17.01
C ASN A 309 4.73 -1.45 -16.29
N PHE A 310 5.32 -1.49 -15.09
CA PHE A 310 5.39 -0.27 -14.29
C PHE A 310 6.34 0.80 -14.81
N ALA A 311 7.36 0.41 -15.56
CA ALA A 311 8.21 1.40 -16.21
C ALA A 311 7.41 2.24 -17.20
N ILE A 312 6.48 1.60 -17.90
CA ILE A 312 5.63 2.30 -18.86
C ILE A 312 4.62 3.18 -18.12
N ILE A 313 4.03 2.63 -17.07
CA ILE A 313 3.11 3.38 -16.23
C ILE A 313 3.77 4.67 -15.70
N LEU A 314 4.97 4.55 -15.14
CA LEU A 314 5.75 5.69 -14.63
C LEU A 314 6.02 6.75 -15.69
N GLU A 315 6.35 6.27 -16.89
CA GLU A 315 6.64 7.13 -18.01
C GLU A 315 5.39 7.95 -18.39
N ARG A 316 4.24 7.29 -18.39
CA ARG A 316 2.95 7.90 -18.72
C ARG A 316 2.43 8.84 -17.64
N ILE A 317 2.67 8.48 -16.38
CA ILE A 317 2.40 9.39 -15.27
C ILE A 317 3.26 10.65 -15.37
N GLU A 318 4.55 10.47 -15.62
CA GLU A 318 5.46 11.60 -15.80
C GLU A 318 5.00 12.54 -16.91
N TYR A 319 4.54 11.95 -18.03
CA TYR A 319 4.02 12.71 -19.16
C TYR A 319 2.79 13.55 -18.77
N CYS A 320 1.91 12.96 -17.95
CA CYS A 320 0.78 13.69 -17.37
C CYS A 320 1.21 14.90 -16.55
N THR A 321 2.26 14.76 -15.75
CA THR A 321 2.73 15.83 -14.87
C THR A 321 3.33 16.97 -15.67
N GLN A 322 3.78 16.64 -16.88
CA GLN A 322 4.41 17.59 -17.80
C GLN A 322 3.39 18.45 -18.57
N ASP A 323 2.13 18.02 -18.56
CA ASP A 323 1.07 18.69 -19.30
C ASP A 323 0.36 19.72 -18.41
N PRO A 324 0.57 21.03 -18.69
CA PRO A 324 -0.03 22.09 -17.87
C PRO A 324 -1.55 21.97 -17.78
N ASP A 325 -2.19 21.52 -18.87
CA ASP A 325 -3.63 21.35 -18.88
C ASP A 325 -4.09 20.28 -17.91
N VAL A 326 -3.26 19.25 -17.72
CA VAL A 326 -3.55 18.22 -16.73
C VAL A 326 -3.38 18.78 -15.33
N ILE A 327 -2.25 19.43 -15.07
CA ILE A 327 -1.94 19.81 -13.70
C ILE A 327 -2.70 21.05 -13.24
N ASN A 328 -3.19 21.83 -14.19
CA ASN A 328 -4.01 23.00 -13.86
C ASN A 328 -5.51 22.68 -13.72
N THR A 329 -5.85 21.40 -13.72
CA THR A 329 -7.25 20.99 -13.58
C THR A 329 -7.68 21.05 -12.11
N ALA A 330 -8.79 21.74 -11.86
CA ALA A 330 -9.35 21.86 -10.52
C ALA A 330 -9.94 20.54 -10.03
N LEU A 331 -9.64 20.19 -8.79
CA LEU A 331 -10.30 19.09 -8.12
C LEU A 331 -11.69 19.53 -7.70
N PRO A 332 -12.67 18.60 -7.68
CA PRO A 332 -14.03 18.98 -7.30
C PRO A 332 -14.17 19.27 -5.81
N ILE A 333 -14.97 20.28 -5.49
CA ILE A 333 -15.17 20.74 -4.12
C ILE A 333 -16.56 20.34 -3.61
O4 STU B . -2.74 1.78 11.03
C25 STU B . -2.92 3.19 10.73
C24 STU B . -3.88 3.51 9.60
C23 STU B . -4.48 2.17 9.20
C22 STU B . -3.31 1.31 8.72
C21 STU B . -2.49 0.89 9.95
C26 STU B . -2.98 -0.45 10.49
N2 STU B . -1.02 0.78 9.68
C18 STU B . -0.17 1.82 9.86
C19 STU B . -0.40 3.13 10.26
C6 STU B . 0.66 4.00 10.36
C7 STU B . 1.93 3.51 10.02
C10 STU B . 2.19 2.23 9.62
C11 STU B . 1.10 1.35 9.52
C12 STU B . 0.98 0.02 9.16
C17 STU B . -0.37 -0.35 9.25
C16 STU B . -0.72 -1.67 8.92
C15 STU B . 0.28 -2.56 8.49
C14 STU B . 1.62 -2.16 8.40
C13 STU B . 1.97 -0.85 8.75
C9 STU B . 3.63 2.03 9.34
N1 STU B . 4.25 3.35 9.64
C8 STU B . 3.25 4.19 10.04
O5 STU B . 3.44 5.41 10.38
C5 STU B . 0.10 5.17 10.79
C20 STU B . -1.26 5.05 10.94
C1 STU B . -1.96 6.21 11.40
C2 STU B . -1.27 7.43 11.65
C3 STU B . 0.12 7.50 11.45
C4 STU B . 0.43 6.35 11.07
N3 STU B . -1.56 3.77 10.61
O6 STU B . -2.51 2.08 7.80
C27 STU B . -1.87 1.28 6.82
N4 STU B . -5.56 2.36 8.25
C28 STU B . -6.86 2.76 8.76
C1 GOL C . 5.80 -12.21 -3.90
O1 GOL C . 5.87 -12.63 -5.24
C2 GOL C . 4.98 -13.20 -3.10
O2 GOL C . 5.74 -14.36 -2.90
C3 GOL C . 3.72 -13.57 -3.89
O3 GOL C . 2.81 -12.49 -3.83
C1 GOL D . 14.69 -1.23 6.03
O1 GOL D . 13.62 -1.99 5.52
C2 GOL D . 16.00 -1.88 5.62
O2 GOL D . 16.96 -1.73 6.67
C3 GOL D . 16.51 -1.19 4.37
O3 GOL D . 15.40 -0.87 3.56
#